data_4DSI
#
_entry.id   4DSI
#
_cell.length_a   88.573
_cell.length_b   93.387
_cell.length_c   105.928
_cell.angle_alpha   90.00
_cell.angle_beta   90.00
_cell.angle_gamma   90.00
#
_symmetry.space_group_name_H-M   'P 21 21 21'
#
loop_
_entity.id
_entity.type
_entity.pdbx_description
1 polymer 'DNA polymerase'
2 polymer DNA
3 polymer Se-dGTP
4 non-polymer GLYCEROL
5 non-polymer 'SULFATE ION'
6 non-polymer "2'-DEOXYGUANOSINE-5'-MONOPHOSPHATE"
7 non-polymer 'CALCIUM ION'
8 water water
#
loop_
_entity_poly.entity_id
_entity_poly.type
_entity_poly.pdbx_seq_one_letter_code
_entity_poly.pdbx_strand_id
1 'polypeptide(L)'
;GSKMAFTLADRVTEEMLADKAALVVEVVEENYHDAPIVGIAVVNEHGRFFLRPETALADPQFVAWLGDETKKKSMFDSKR
AAVALKWKGIELCGVSFDLLLAAYLLDPAQGVDDVAAAAKMKQYEAVRPDEAVYGKGAKRAVPDEPVLAEHLVRKAAAIW
ELERPFLDELRRNEQDRLLVELEQPLSSILAEMEFAGVKVDTKRLEQMGKELAEQLGTVEQRIYELAGQEFNINSPKQLG
VILFEKLQLPVLKKTKTGYSTSADVLEKLAPYHEIVENILHYRQLGKLQSTYIEGLLKVVRPDTKKVHTIFNQALTQTGR
LSSTEPNLQNIPIRLEEGRKIRQAFVPSESDWLIFAADYSQIELRVLAHIAEDDNLMEAFRRDLDIHTKTAMDIFQVSED
EVTPNMRRQAKAVNFGIVYGISDYGLAQNLNISRKEAAEFIERYFESFPGVKRYMENIVQEAKQKGYVTTLLHRRRYLPD
ITSRNFNVRSFAERMAMNTPIQGSAADIIKKAMIDLNARLKEERLQAHLLLQVHDELILEAPKEEMERLCRLVPEVMEQA
VTLRVPLKVDYHYGSTWYDAK
;
A
2 'polydeoxyribonucleotide' (DA)(DT)(DC)(DC)(DG)(DA)(DG)(DT)(DC)(DA)(DG)(DG) B
3 'polydeoxyribonucleotide' (DC)(DC)(DT)(DG)(DA)(DC)(DT)(DC)(DG) C
#
loop_
_chem_comp.id
_chem_comp.type
_chem_comp.name
_chem_comp.formula
CA non-polymer 'CALCIUM ION' 'Ca 2'
DA DNA linking 2'-DEOXYADENOSINE-5'-MONOPHOSPHATE 'C10 H14 N5 O6 P'
DC DNA linking 2'-DEOXYCYTIDINE-5'-MONOPHOSPHATE 'C9 H14 N3 O7 P'
DG DNA linking 2'-DEOXYGUANOSINE-5'-MONOPHOSPHATE 'C10 H14 N5 O7 P'
DGP non-polymer 2'-DEOXYGUANOSINE-5'-MONOPHOSPHATE 'C10 H14 N5 O7 P'
DT DNA linking THYMIDINE-5'-MONOPHOSPHATE 'C10 H15 N2 O8 P'
GOL non-polymer GLYCEROL 'C3 H8 O3'
SO4 non-polymer 'SULFATE ION' 'O4 S -2'
#
# COMPACT_ATOMS: atom_id res chain seq x y z
N GLY A 1 -22.55 11.54 -30.56
CA GLY A 1 -21.09 11.74 -30.51
C GLY A 1 -20.62 12.69 -31.60
N SER A 2 -20.81 13.99 -31.37
CA SER A 2 -20.13 15.04 -32.17
C SER A 2 -18.62 15.12 -31.84
N LYS A 3 -17.86 15.87 -32.63
CA LYS A 3 -16.40 15.91 -32.46
C LYS A 3 -15.96 17.16 -31.68
N MET A 4 -14.94 16.99 -30.83
CA MET A 4 -14.26 18.14 -30.21
C MET A 4 -13.17 18.57 -31.16
N ALA A 5 -13.12 19.86 -31.43
CA ALA A 5 -12.11 20.41 -32.32
C ALA A 5 -10.76 20.49 -31.65
N PHE A 6 -9.72 20.19 -32.43
CA PHE A 6 -8.31 20.34 -32.04
C PHE A 6 -7.40 20.28 -33.29
N THR A 7 -6.18 20.78 -33.16
CA THR A 7 -5.12 20.58 -34.13
C THR A 7 -4.38 19.25 -34.01
N LEU A 8 -4.55 18.37 -34.99
CA LEU A 8 -3.73 17.19 -35.04
C LEU A 8 -2.37 17.63 -35.63
N ALA A 9 -1.42 17.99 -34.76
CA ALA A 9 -0.19 18.70 -35.17
C ALA A 9 0.86 17.77 -35.81
N ASP A 10 1.52 18.19 -36.88
CA ASP A 10 2.61 17.35 -37.41
C ASP A 10 3.98 17.81 -36.90
N ARG A 11 3.98 18.97 -36.23
CA ARG A 11 5.17 19.47 -35.54
C ARG A 11 4.83 20.43 -34.37
N VAL A 12 5.81 20.67 -33.50
CA VAL A 12 5.67 21.44 -32.27
C VAL A 12 5.83 22.93 -32.53
N THR A 13 4.86 23.75 -32.08
CA THR A 13 4.96 25.23 -32.24
C THR A 13 5.00 25.92 -30.90
N GLU A 14 5.38 27.21 -30.88
CA GLU A 14 5.56 27.94 -29.62
C GLU A 14 4.29 28.04 -28.78
N GLU A 15 3.13 28.10 -29.44
CA GLU A 15 1.86 28.25 -28.68
C GLU A 15 1.47 26.94 -27.94
N MET A 16 2.14 25.84 -28.31
CA MET A 16 2.00 24.57 -27.62
C MET A 16 2.74 24.56 -26.30
N LEU A 17 3.50 25.60 -26.00
CA LEU A 17 4.39 25.62 -24.83
C LEU A 17 4.15 26.77 -23.87
N ALA A 18 2.89 27.11 -23.69
CA ALA A 18 2.46 28.09 -22.70
C ALA A 18 2.85 27.67 -21.26
N ASP A 19 2.91 28.61 -20.34
CA ASP A 19 3.31 28.25 -18.99
C ASP A 19 2.20 27.64 -18.07
N LYS A 20 1.02 27.35 -18.65
CA LYS A 20 -0.02 26.53 -18.00
C LYS A 20 -0.79 25.70 -19.01
N ALA A 21 -0.88 24.40 -18.79
CA ALA A 21 -1.55 23.50 -19.72
C ALA A 21 -2.04 22.27 -18.98
N ALA A 22 -3.16 21.72 -19.42
CA ALA A 22 -3.48 20.33 -19.21
C ALA A 22 -2.61 19.51 -20.16
N LEU A 23 -1.93 18.48 -19.63
CA LEU A 23 -1.06 17.58 -20.42
C LEU A 23 -1.52 16.15 -20.23
N VAL A 24 -1.51 15.37 -21.32
CA VAL A 24 -1.72 13.93 -21.25
C VAL A 24 -0.55 13.31 -21.98
N VAL A 25 0.20 12.47 -21.28
CA VAL A 25 1.25 11.66 -21.87
C VAL A 25 0.84 10.23 -21.71
N GLU A 26 0.23 9.69 -22.76
CA GLU A 26 -0.62 8.54 -22.60
C GLU A 26 0.18 7.24 -22.67
N VAL A 27 0.03 6.44 -21.63
CA VAL A 27 0.66 5.12 -21.58
C VAL A 27 -0.47 4.13 -21.40
N VAL A 28 -0.65 3.29 -22.39
CA VAL A 28 -1.81 2.40 -22.38
C VAL A 28 -1.57 1.14 -21.59
N GLU A 29 -0.38 0.52 -21.70
CA GLU A 29 0.01 -0.63 -20.88
C GLU A 29 -0.25 -0.42 -19.39
N GLU A 30 -0.81 -1.41 -18.72
CA GLU A 30 -1.12 -1.35 -17.28
C GLU A 30 0.16 -1.05 -16.51
N ASN A 31 1.15 -1.91 -16.73
CA ASN A 31 2.41 -1.76 -16.10
C ASN A 31 3.21 -0.80 -16.97
N TYR A 32 3.45 0.40 -16.45
CA TYR A 32 4.07 1.46 -17.27
C TYR A 32 5.63 1.51 -17.38
N HIS A 33 6.32 0.61 -16.71
CA HIS A 33 7.78 0.59 -16.69
C HIS A 33 8.31 0.24 -18.08
N ASP A 34 9.08 1.15 -18.67
CA ASP A 34 9.72 0.94 -20.00
C ASP A 34 8.67 0.66 -21.08
N ALA A 35 7.53 1.34 -21.00
CA ALA A 35 6.37 1.06 -21.81
C ALA A 35 6.23 2.16 -22.83
N PRO A 36 5.45 1.89 -23.88
CA PRO A 36 5.32 2.89 -24.96
C PRO A 36 4.52 4.09 -24.51
N ILE A 37 4.89 5.28 -24.97
CA ILE A 37 3.98 6.41 -24.86
C ILE A 37 3.23 6.47 -26.19
N VAL A 38 1.92 6.27 -26.23
CA VAL A 38 1.21 6.17 -27.51
C VAL A 38 0.75 7.50 -28.11
N GLY A 39 0.72 8.59 -27.34
CA GLY A 39 0.25 9.84 -27.95
C GLY A 39 0.31 10.94 -26.91
N ILE A 40 0.25 12.19 -27.35
CA ILE A 40 0.36 13.31 -26.42
C ILE A 40 -0.70 14.35 -26.68
N ALA A 41 -1.33 14.87 -25.63
CA ALA A 41 -2.27 15.96 -25.83
C ALA A 41 -1.93 17.11 -24.92
N VAL A 42 -2.06 18.32 -25.45
CA VAL A 42 -1.89 19.55 -24.68
C VAL A 42 -3.15 20.44 -24.89
N VAL A 43 -3.73 20.94 -23.80
CA VAL A 43 -4.76 21.98 -23.90
C VAL A 43 -4.18 23.11 -23.05
N ASN A 44 -4.22 24.34 -23.57
CA ASN A 44 -3.85 25.58 -22.85
C ASN A 44 -4.74 26.75 -23.36
N GLU A 45 -4.41 27.98 -22.98
CA GLU A 45 -5.19 29.14 -23.46
C GLU A 45 -5.24 29.25 -25.00
N HIS A 46 -4.29 28.67 -25.72
CA HIS A 46 -4.19 28.88 -27.16
C HIS A 46 -4.93 27.87 -27.98
N GLY A 47 -5.31 26.74 -27.39
CA GLY A 47 -6.18 25.79 -28.07
C GLY A 47 -5.84 24.38 -27.64
N ARG A 48 -6.11 23.42 -28.52
CA ARG A 48 -6.08 22.02 -28.22
C ARG A 48 -5.26 21.27 -29.25
N PHE A 49 -4.32 20.45 -28.77
CA PHE A 49 -3.26 19.93 -29.62
C PHE A 49 -3.00 18.45 -29.40
N PHE A 50 -2.97 17.69 -30.49
CA PHE A 50 -2.44 16.34 -30.44
C PHE A 50 -1.09 16.30 -31.13
N LEU A 51 -0.13 15.64 -30.49
CA LEU A 51 1.23 15.42 -30.99
C LEU A 51 1.56 13.96 -31.00
N ARG A 52 2.21 13.46 -32.04
CA ARG A 52 2.68 12.05 -32.02
C ARG A 52 3.93 12.05 -31.15
N PRO A 53 4.12 11.00 -30.34
CA PRO A 53 5.30 10.98 -29.43
C PRO A 53 6.70 10.99 -30.09
N GLU A 54 6.87 10.25 -31.21
CA GLU A 54 8.14 10.29 -31.99
C GLU A 54 8.50 11.71 -32.44
N THR A 55 7.52 12.51 -32.82
CA THR A 55 7.81 13.90 -33.10
C THR A 55 8.10 14.65 -31.81
N ALA A 56 7.12 14.65 -30.90
CA ALA A 56 7.15 15.56 -29.76
C ALA A 56 8.39 15.31 -28.86
N LEU A 57 8.68 14.03 -28.62
CA LEU A 57 9.74 13.68 -27.69
C LEU A 57 11.16 13.74 -28.28
N ALA A 58 11.26 13.86 -29.60
CA ALA A 58 12.54 14.22 -30.24
C ALA A 58 12.72 15.73 -30.38
N ASP A 59 11.69 16.50 -30.05
CA ASP A 59 11.79 17.95 -30.11
C ASP A 59 12.40 18.55 -28.88
N PRO A 60 13.61 19.15 -29.01
CA PRO A 60 14.29 19.70 -27.81
C PRO A 60 13.53 20.84 -27.08
N GLN A 61 12.70 21.60 -27.80
CA GLN A 61 11.90 22.61 -27.15
C GLN A 61 10.76 22.00 -26.32
N PHE A 62 10.08 21.02 -26.87
CA PHE A 62 9.06 20.29 -26.13
C PHE A 62 9.63 19.57 -24.90
N VAL A 63 10.76 18.90 -25.07
CA VAL A 63 11.48 18.23 -23.96
C VAL A 63 11.85 19.24 -22.86
N ALA A 64 12.35 20.40 -23.26
CA ALA A 64 12.76 21.42 -22.29
C ALA A 64 11.53 21.96 -21.56
N TRP A 65 10.42 22.08 -22.30
CA TRP A 65 9.18 22.53 -21.71
C TRP A 65 8.71 21.49 -20.66
N LEU A 66 8.77 20.20 -21.00
CA LEU A 66 8.48 19.12 -20.06
C LEU A 66 9.26 19.23 -18.77
N GLY A 67 10.56 19.53 -18.86
CA GLY A 67 11.43 19.54 -17.66
C GLY A 67 11.54 20.88 -16.92
N ASP A 68 10.85 21.90 -17.44
CA ASP A 68 10.84 23.21 -16.83
C ASP A 68 9.73 23.30 -15.79
N GLU A 69 10.12 23.47 -14.56
CA GLU A 69 9.15 23.43 -13.53
C GLU A 69 8.37 24.74 -13.38
N THR A 70 8.76 25.75 -14.12
CA THR A 70 8.04 27.01 -14.14
C THR A 70 6.94 26.91 -15.20
N LYS A 71 6.96 25.84 -16.00
CA LYS A 71 5.86 25.55 -16.92
C LYS A 71 4.89 24.56 -16.28
N LYS A 72 3.75 25.08 -15.85
CA LYS A 72 2.89 24.37 -14.89
C LYS A 72 1.95 23.44 -15.58
N LYS A 73 1.97 22.18 -15.21
CA LYS A 73 1.10 21.22 -15.89
C LYS A 73 0.05 20.64 -14.97
N SER A 74 -1.12 20.45 -15.53
CA SER A 74 -2.19 19.75 -14.90
C SER A 74 -2.35 18.42 -15.60
N MET A 75 -2.42 17.34 -14.81
CA MET A 75 -2.47 15.97 -15.37
C MET A 75 -3.40 15.02 -14.64
N PHE A 76 -3.47 13.78 -15.11
CA PHE A 76 -4.09 12.71 -14.35
C PHE A 76 -3.10 11.58 -14.26
N ASP A 77 -2.80 11.11 -13.04
CA ASP A 77 -1.77 10.07 -12.86
C ASP A 77 -0.41 10.57 -13.40
N SER A 78 0.08 11.65 -12.84
CA SER A 78 1.36 12.16 -13.32
C SER A 78 2.48 11.10 -13.13
N LYS A 79 2.35 10.26 -12.11
CA LYS A 79 3.43 9.29 -11.87
C LYS A 79 3.62 8.33 -13.05
N ARG A 80 2.50 7.90 -13.63
CA ARG A 80 2.56 7.00 -14.78
C ARG A 80 3.39 7.61 -15.91
N ALA A 81 3.08 8.89 -16.24
CA ALA A 81 3.77 9.58 -17.30
C ALA A 81 5.22 9.84 -16.90
N ALA A 82 5.45 10.29 -15.65
CA ALA A 82 6.81 10.54 -15.13
C ALA A 82 7.75 9.34 -15.24
N VAL A 83 7.23 8.19 -14.87
CA VAL A 83 8.05 7.01 -14.94
C VAL A 83 8.29 6.56 -16.37
N ALA A 84 7.23 6.51 -17.20
CA ALA A 84 7.46 6.08 -18.54
C ALA A 84 8.45 7.07 -19.26
N LEU A 85 8.44 8.35 -18.90
CA LEU A 85 9.42 9.31 -19.43
C LEU A 85 10.85 9.10 -18.87
N LYS A 86 10.98 8.67 -17.61
CA LYS A 86 12.27 8.43 -16.98
C LYS A 86 12.93 7.31 -17.75
N TRP A 87 12.13 6.31 -18.15
CA TRP A 87 12.68 5.22 -18.96
C TRP A 87 13.20 5.69 -20.34
N LYS A 88 12.74 6.85 -20.83
CA LYS A 88 13.28 7.35 -22.13
C LYS A 88 14.35 8.41 -21.88
N GLY A 89 14.87 8.49 -20.66
CA GLY A 89 15.77 9.56 -20.28
C GLY A 89 15.19 10.97 -20.32
N ILE A 90 13.87 11.12 -20.13
CA ILE A 90 13.24 12.47 -20.09
C ILE A 90 12.62 12.82 -18.72
N GLU A 91 12.96 14.00 -18.18
CA GLU A 91 12.49 14.48 -16.86
C GLU A 91 11.19 15.25 -17.04
N LEU A 92 10.18 14.94 -16.22
CA LEU A 92 8.93 15.73 -16.21
C LEU A 92 8.90 16.56 -14.98
N CYS A 93 8.70 17.87 -15.09
CA CYS A 93 8.66 18.72 -13.89
C CYS A 93 7.50 19.72 -13.95
N GLY A 94 7.27 20.41 -12.85
CA GLY A 94 6.24 21.44 -12.79
C GLY A 94 4.81 20.91 -12.86
N VAL A 95 4.58 19.70 -12.35
CA VAL A 95 3.20 19.17 -12.29
C VAL A 95 2.52 19.83 -11.10
N SER A 96 1.58 20.71 -11.34
CA SER A 96 1.01 21.47 -10.22
C SER A 96 -0.34 20.89 -9.81
N PHE A 97 -0.89 19.98 -10.60
CA PHE A 97 -2.20 19.42 -10.28
C PHE A 97 -2.35 18.06 -10.94
N ASP A 98 -2.67 17.09 -10.09
CA ASP A 98 -2.93 15.73 -10.50
C ASP A 98 -4.38 15.39 -10.12
N LEU A 99 -5.21 15.36 -11.15
CA LEU A 99 -6.63 15.04 -10.99
C LEU A 99 -6.83 13.69 -10.29
N LEU A 100 -6.02 12.69 -10.58
CA LEU A 100 -6.20 11.40 -9.91
C LEU A 100 -6.08 11.52 -8.40
N LEU A 101 -5.07 12.24 -7.95
CA LEU A 101 -4.85 12.32 -6.54
C LEU A 101 -5.86 13.27 -5.90
N ALA A 102 -6.31 14.28 -6.65
CA ALA A 102 -7.39 15.15 -6.19
C ALA A 102 -8.70 14.35 -5.95
N ALA A 103 -9.07 13.50 -6.89
CA ALA A 103 -10.27 12.67 -6.71
C ALA A 103 -10.08 11.73 -5.55
N TYR A 104 -8.89 11.12 -5.45
CA TYR A 104 -8.66 10.21 -4.34
C TYR A 104 -8.80 10.88 -2.96
N LEU A 105 -8.36 12.11 -2.79
CA LEU A 105 -8.55 12.76 -1.49
C LEU A 105 -10.00 13.14 -1.19
N LEU A 106 -10.73 13.58 -2.21
CA LEU A 106 -12.14 13.99 -2.03
C LEU A 106 -12.99 12.78 -1.69
N ASP A 107 -12.68 11.63 -2.28
CA ASP A 107 -13.46 10.44 -1.99
C ASP A 107 -12.74 9.18 -2.43
N PRO A 108 -11.98 8.54 -1.52
CA PRO A 108 -11.27 7.34 -1.89
C PRO A 108 -12.21 6.25 -2.32
N ALA A 109 -13.49 6.26 -1.89
CA ALA A 109 -14.42 5.16 -2.24
C ALA A 109 -14.86 5.17 -3.68
N GLN A 110 -14.70 6.29 -4.40
CA GLN A 110 -15.08 6.31 -5.80
C GLN A 110 -14.31 5.31 -6.68
N GLY A 111 -13.13 4.84 -6.25
CA GLY A 111 -12.32 3.95 -7.11
C GLY A 111 -11.97 4.57 -8.48
N VAL A 112 -11.65 5.86 -8.47
CA VAL A 112 -11.34 6.61 -9.69
C VAL A 112 -10.06 6.07 -10.37
N ASP A 113 -10.23 5.44 -11.53
CA ASP A 113 -9.12 4.81 -12.27
C ASP A 113 -8.85 5.44 -13.63
N ASP A 114 -9.74 6.32 -14.11
CA ASP A 114 -9.48 7.01 -15.38
C ASP A 114 -10.07 8.40 -15.34
N VAL A 115 -9.73 9.20 -16.34
CA VAL A 115 -10.18 10.61 -16.36
C VAL A 115 -11.72 10.68 -16.31
N ALA A 116 -12.39 9.79 -17.06
CA ALA A 116 -13.83 9.85 -17.12
C ALA A 116 -14.51 9.69 -15.76
N ALA A 117 -13.97 8.81 -14.89
CA ALA A 117 -14.54 8.56 -13.57
C ALA A 117 -14.32 9.74 -12.63
N ALA A 118 -13.21 10.46 -12.81
CA ALA A 118 -12.98 11.65 -12.03
C ALA A 118 -13.94 12.70 -12.54
N ALA A 119 -14.10 12.78 -13.86
CA ALA A 119 -14.99 13.79 -14.44
C ALA A 119 -16.47 13.68 -14.00
N LYS A 120 -16.98 12.45 -13.88
CA LYS A 120 -18.34 12.19 -13.37
C LYS A 120 -18.59 12.80 -12.01
N MET A 121 -17.54 12.90 -11.21
CA MET A 121 -17.70 13.47 -9.90
C MET A 121 -18.22 14.90 -9.97
N LYS A 122 -18.01 15.57 -11.10
CA LYS A 122 -18.42 16.96 -11.23
C LYS A 122 -19.41 17.12 -12.39
N GLN A 123 -20.09 16.02 -12.71
CA GLN A 123 -21.16 16.00 -13.73
C GLN A 123 -20.56 16.22 -15.14
N TYR A 124 -19.25 16.13 -15.29
CA TYR A 124 -18.65 16.34 -16.57
C TYR A 124 -18.59 14.99 -17.31
N GLU A 125 -19.30 14.94 -18.44
CA GLU A 125 -19.41 13.68 -19.17
C GLU A 125 -18.96 13.70 -20.63
N ALA A 126 -18.35 14.81 -21.09
CA ALA A 126 -17.82 14.84 -22.48
C ALA A 126 -16.46 14.18 -22.66
N VAL A 127 -16.33 12.96 -22.17
CA VAL A 127 -15.09 12.20 -22.23
C VAL A 127 -15.46 10.75 -22.02
N ARG A 128 -14.85 9.84 -22.78
CA ARG A 128 -15.13 8.41 -22.65
C ARG A 128 -14.23 7.71 -21.60
N PRO A 129 -14.75 6.62 -20.99
CA PRO A 129 -13.94 5.73 -20.15
C PRO A 129 -12.85 5.14 -21.04
N ASP A 130 -11.64 5.02 -20.51
CA ASP A 130 -10.56 4.36 -21.20
C ASP A 130 -10.96 2.98 -21.72
N GLU A 131 -11.67 2.19 -20.89
CA GLU A 131 -12.11 0.85 -21.30
C GLU A 131 -13.00 0.85 -22.53
N ALA A 132 -13.84 1.87 -22.66
CA ALA A 132 -14.68 1.99 -23.83
C ALA A 132 -13.82 2.23 -25.09
N VAL A 133 -12.72 2.96 -24.95
CA VAL A 133 -11.85 3.29 -26.10
C VAL A 133 -10.84 2.18 -26.39
N TYR A 134 -10.22 1.66 -25.35
CA TYR A 134 -9.14 0.69 -25.51
C TYR A 134 -9.55 -0.79 -25.52
N GLY A 135 -10.74 -1.11 -24.96
CA GLY A 135 -11.15 -2.51 -24.70
C GLY A 135 -10.58 -2.97 -23.37
N LYS A 136 -10.80 -4.24 -23.01
CA LYS A 136 -10.29 -4.74 -21.71
C LYS A 136 -9.37 -5.98 -21.74
N GLY A 137 -9.83 -7.07 -22.33
CA GLY A 137 -9.17 -8.36 -22.11
C GLY A 137 -7.89 -8.56 -22.89
N ALA A 138 -7.85 -9.68 -23.63
CA ALA A 138 -6.81 -9.87 -24.65
C ALA A 138 -7.10 -8.86 -25.76
N LYS A 139 -8.33 -8.33 -25.75
CA LYS A 139 -8.82 -7.37 -26.74
C LYS A 139 -8.47 -5.88 -26.46
N ARG A 140 -7.63 -5.63 -25.45
CA ARG A 140 -7.18 -4.27 -25.15
C ARG A 140 -6.15 -3.87 -26.19
N ALA A 141 -6.45 -2.81 -26.95
CA ALA A 141 -5.62 -2.39 -28.10
C ALA A 141 -5.66 -0.89 -28.26
N VAL A 142 -4.60 -0.31 -28.81
CA VAL A 142 -4.56 1.12 -29.10
C VAL A 142 -5.34 1.33 -30.38
N PRO A 143 -6.34 2.22 -30.40
CA PRO A 143 -7.10 2.40 -31.65
C PRO A 143 -6.36 3.23 -32.69
N ASP A 144 -7.01 3.46 -33.84
CA ASP A 144 -6.39 4.19 -34.94
C ASP A 144 -6.24 5.63 -34.55
N GLU A 145 -5.31 6.32 -35.19
CA GLU A 145 -4.99 7.68 -34.78
C GLU A 145 -6.17 8.68 -34.60
N PRO A 146 -7.20 8.67 -35.50
CA PRO A 146 -8.28 9.65 -35.21
C PRO A 146 -9.07 9.35 -33.89
N VAL A 147 -9.36 8.07 -33.65
CA VAL A 147 -10.05 7.69 -32.44
C VAL A 147 -9.14 8.07 -31.27
N LEU A 148 -7.86 7.74 -31.36
CA LEU A 148 -6.94 7.93 -30.23
C LEU A 148 -6.79 9.40 -29.90
N ALA A 149 -6.56 10.19 -30.94
CA ALA A 149 -6.25 11.61 -30.78
C ALA A 149 -7.41 12.40 -30.16
N GLU A 150 -8.63 12.15 -30.63
CA GLU A 150 -9.80 12.71 -30.02
C GLU A 150 -9.95 12.31 -28.53
N HIS A 151 -9.66 11.04 -28.19
CA HIS A 151 -9.78 10.59 -26.81
C HIS A 151 -8.79 11.32 -25.89
N LEU A 152 -7.56 11.49 -26.36
CA LEU A 152 -6.55 12.13 -25.54
C LEU A 152 -6.89 13.61 -25.37
N VAL A 153 -7.35 14.24 -26.45
CA VAL A 153 -7.72 15.65 -26.38
C VAL A 153 -8.92 15.88 -25.43
N ARG A 154 -9.89 14.96 -25.48
CA ARG A 154 -11.04 15.02 -24.59
C ARG A 154 -10.56 14.86 -23.14
N LYS A 155 -9.65 13.92 -22.90
CA LYS A 155 -9.05 13.82 -21.54
C LYS A 155 -8.35 15.09 -21.05
N ALA A 156 -7.41 15.60 -21.83
CA ALA A 156 -6.82 16.88 -21.52
C ALA A 156 -7.85 17.99 -21.37
N ALA A 157 -8.90 18.00 -22.18
CA ALA A 157 -9.92 19.12 -22.04
C ALA A 157 -10.65 19.00 -20.69
N ALA A 158 -10.94 17.78 -20.30
CA ALA A 158 -11.56 17.49 -19.01
C ALA A 158 -10.66 17.92 -17.87
N ILE A 159 -9.38 17.54 -17.90
CA ILE A 159 -8.43 18.00 -16.89
C ILE A 159 -8.38 19.56 -16.75
N TRP A 160 -8.33 20.26 -17.89
CA TRP A 160 -8.33 21.72 -17.94
C TRP A 160 -9.55 22.32 -17.23
N GLU A 161 -10.73 21.74 -17.45
CA GLU A 161 -11.94 22.29 -16.82
C GLU A 161 -12.13 21.88 -15.39
N LEU A 162 -11.71 20.66 -15.05
CA LEU A 162 -11.98 20.12 -13.72
C LEU A 162 -11.06 20.61 -12.64
N GLU A 163 -9.92 21.17 -12.99
CA GLU A 163 -9.02 21.60 -11.94
C GLU A 163 -9.67 22.61 -10.98
N ARG A 164 -10.34 23.61 -11.54
CA ARG A 164 -11.02 24.57 -10.71
C ARG A 164 -11.98 23.93 -9.67
N PRO A 165 -13.01 23.21 -10.12
CA PRO A 165 -13.92 22.64 -9.11
C PRO A 165 -13.29 21.61 -8.13
N PHE A 166 -12.31 20.82 -8.55
CA PHE A 166 -11.62 19.92 -7.61
C PHE A 166 -10.89 20.70 -6.51
N LEU A 167 -10.19 21.77 -6.89
CA LEU A 167 -9.47 22.62 -5.92
C LEU A 167 -10.42 23.35 -4.99
N ASP A 168 -11.57 23.77 -5.51
CA ASP A 168 -12.59 24.44 -4.69
C ASP A 168 -13.06 23.50 -3.58
N GLU A 169 -13.39 22.26 -3.93
CA GLU A 169 -13.81 21.30 -2.94
C GLU A 169 -12.69 20.86 -1.98
N LEU A 170 -11.50 20.58 -2.49
CA LEU A 170 -10.41 20.29 -1.58
C LEU A 170 -10.24 21.43 -0.57
N ARG A 171 -10.40 22.64 -1.05
CA ARG A 171 -10.21 23.78 -0.18
C ARG A 171 -11.27 23.81 0.95
N ARG A 172 -12.54 23.62 0.58
CA ARG A 172 -13.61 23.59 1.54
C ARG A 172 -13.39 22.46 2.55
N ASN A 173 -12.86 21.31 2.10
CA ASN A 173 -12.54 20.22 2.99
C ASN A 173 -11.28 20.44 3.81
N GLU A 174 -10.55 21.54 3.59
CA GLU A 174 -9.22 21.77 4.21
C GLU A 174 -8.19 20.69 3.81
N GLN A 175 -8.29 20.23 2.58
CA GLN A 175 -7.38 19.24 2.04
C GLN A 175 -6.44 19.80 0.94
N ASP A 176 -6.46 21.10 0.74
CA ASP A 176 -5.68 21.71 -0.34
C ASP A 176 -4.18 21.53 -0.11
N ARG A 177 -3.73 21.71 1.13
CA ARG A 177 -2.37 21.37 1.49
C ARG A 177 -2.10 19.90 1.45
N LEU A 178 -3.07 19.08 1.78
CA LEU A 178 -2.81 17.63 1.75
C LEU A 178 -2.43 17.23 0.31
N LEU A 179 -3.09 17.86 -0.65
CA LEU A 179 -2.79 17.55 -2.05
C LEU A 179 -1.44 18.16 -2.50
N VAL A 180 -1.29 19.46 -2.26
CA VAL A 180 -0.20 20.24 -2.81
C VAL A 180 1.13 19.99 -2.09
N GLU A 181 1.08 19.74 -0.79
CA GLU A 181 2.32 19.64 0.00
C GLU A 181 2.61 18.23 0.44
N LEU A 182 1.66 17.32 0.26
CA LEU A 182 1.88 15.95 0.67
C LEU A 182 1.75 14.95 -0.48
N GLU A 183 0.55 14.75 -1.05
CA GLU A 183 0.42 13.70 -2.06
C GLU A 183 1.15 13.98 -3.38
N GLN A 184 1.12 15.22 -3.88
CA GLN A 184 1.82 15.53 -5.15
C GLN A 184 3.35 15.43 -5.02
N PRO A 185 3.93 16.06 -3.97
CA PRO A 185 5.39 15.83 -3.85
C PRO A 185 5.69 14.37 -3.62
N LEU A 186 4.85 13.66 -2.84
CA LEU A 186 5.12 12.18 -2.66
C LEU A 186 5.09 11.38 -3.99
N SER A 187 4.20 11.77 -4.88
CA SER A 187 4.12 11.14 -6.17
C SER A 187 5.49 11.14 -6.91
N SER A 188 6.18 12.29 -6.90
CA SER A 188 7.54 12.33 -7.51
C SER A 188 8.54 11.42 -6.84
N ILE A 189 8.48 11.31 -5.53
CA ILE A 189 9.38 10.41 -4.79
C ILE A 189 9.09 8.94 -5.12
N LEU A 190 7.83 8.56 -5.24
CA LEU A 190 7.50 7.17 -5.57
C LEU A 190 7.99 6.84 -6.96
N ALA A 191 7.89 7.81 -7.88
CA ALA A 191 8.30 7.59 -9.24
C ALA A 191 9.82 7.25 -9.28
N GLU A 192 10.63 8.02 -8.55
CA GLU A 192 12.07 7.73 -8.42
C GLU A 192 12.29 6.35 -7.82
N MET A 193 11.58 6.02 -6.73
CA MET A 193 11.71 4.70 -6.10
C MET A 193 11.38 3.58 -7.08
N GLU A 194 10.31 3.76 -7.85
CA GLU A 194 9.89 2.74 -8.81
C GLU A 194 10.92 2.62 -9.92
N PHE A 195 11.33 3.76 -10.44
CA PHE A 195 12.29 3.73 -11.53
C PHE A 195 13.63 3.11 -11.10
N ALA A 196 14.04 3.41 -9.88
CA ALA A 196 15.33 2.91 -9.36
C ALA A 196 15.30 1.38 -9.18
N GLY A 197 14.17 0.87 -8.71
CA GLY A 197 13.98 -0.54 -8.47
C GLY A 197 14.88 -1.13 -7.40
N VAL A 198 14.80 -2.46 -7.24
CA VAL A 198 15.57 -3.13 -6.21
C VAL A 198 16.29 -4.26 -6.90
N LYS A 199 17.58 -4.32 -6.68
CA LYS A 199 18.36 -5.38 -7.29
C LYS A 199 18.05 -6.76 -6.68
N VAL A 200 17.98 -7.77 -7.53
CA VAL A 200 17.70 -9.12 -7.03
C VAL A 200 18.83 -10.07 -7.36
N ASP A 201 19.22 -10.88 -6.38
CA ASP A 201 20.21 -11.93 -6.61
C ASP A 201 19.48 -13.19 -7.08
N THR A 202 19.39 -13.34 -8.39
CA THR A 202 18.60 -14.41 -9.00
C THR A 202 19.19 -15.80 -8.74
N LYS A 203 20.50 -15.86 -8.49
CA LYS A 203 21.15 -17.13 -8.20
C LYS A 203 20.68 -17.62 -6.85
N ARG A 204 20.62 -16.70 -5.89
CA ARG A 204 20.28 -17.09 -4.55
C ARG A 204 18.86 -17.67 -4.58
N LEU A 205 18.02 -17.03 -5.38
CA LEU A 205 16.63 -17.34 -5.52
C LEU A 205 16.48 -18.70 -6.19
N GLU A 206 17.16 -18.88 -7.31
CA GLU A 206 17.15 -20.17 -8.03
C GLU A 206 17.64 -21.36 -7.21
N GLN A 207 18.59 -21.11 -6.30
CA GLN A 207 19.08 -22.15 -5.43
C GLN A 207 18.02 -22.52 -4.38
N MET A 208 17.47 -21.50 -3.73
CA MET A 208 16.37 -21.69 -2.82
C MET A 208 15.23 -22.43 -3.51
N GLY A 209 14.95 -22.10 -4.77
CA GLY A 209 13.95 -22.82 -5.55
C GLY A 209 14.23 -24.30 -5.71
N LYS A 210 15.51 -24.66 -5.74
CA LYS A 210 15.95 -26.06 -5.92
C LYS A 210 15.69 -26.88 -4.65
N GLU A 211 16.17 -26.36 -3.52
CA GLU A 211 15.93 -26.90 -2.19
C GLU A 211 14.42 -27.05 -1.86
N LEU A 212 13.66 -25.97 -1.98
CA LEU A 212 12.18 -26.03 -1.93
C LEU A 212 11.56 -27.14 -2.81
N ALA A 213 11.98 -27.28 -4.06
CA ALA A 213 11.42 -28.31 -4.96
C ALA A 213 11.68 -29.74 -4.47
N GLU A 214 12.83 -29.92 -3.83
CA GLU A 214 13.25 -31.21 -3.30
C GLU A 214 12.38 -31.60 -2.09
N GLN A 215 12.34 -30.71 -1.10
CA GLN A 215 11.48 -30.85 0.07
C GLN A 215 10.02 -31.03 -0.31
N LEU A 216 9.50 -30.08 -1.09
CA LEU A 216 8.14 -30.14 -1.59
C LEU A 216 7.83 -31.51 -2.23
N GLY A 217 8.81 -32.07 -2.93
CA GLY A 217 8.68 -33.41 -3.52
C GLY A 217 8.58 -34.56 -2.52
N THR A 218 9.32 -34.46 -1.41
CA THR A 218 9.30 -35.44 -0.30
C THR A 218 7.94 -35.42 0.41
N VAL A 219 7.57 -34.24 0.87
CA VAL A 219 6.30 -33.99 1.53
C VAL A 219 5.12 -34.38 0.63
N GLU A 220 5.22 -34.09 -0.67
CA GLU A 220 4.18 -34.51 -1.65
C GLU A 220 3.89 -36.05 -1.61
N GLN A 221 4.93 -36.87 -1.69
CA GLN A 221 4.83 -38.34 -1.58
C GLN A 221 4.20 -38.82 -0.28
N ARG A 222 4.73 -38.31 0.85
CA ARG A 222 4.24 -38.62 2.18
C ARG A 222 2.70 -38.40 2.31
N ILE A 223 2.22 -37.30 1.75
CA ILE A 223 0.78 -37.03 1.68
C ILE A 223 0.03 -38.04 0.79
N TYR A 224 0.64 -38.47 -0.30
CA TYR A 224 0.01 -39.47 -1.15
C TYR A 224 -0.03 -40.85 -0.49
N GLU A 225 1.01 -41.16 0.31
CA GLU A 225 1.03 -42.34 1.18
C GLU A 225 -0.08 -42.20 2.20
N LEU A 226 -0.01 -41.17 3.03
CA LEU A 226 -0.89 -41.10 4.17
C LEU A 226 -2.34 -41.08 3.76
N ALA A 227 -2.62 -40.80 2.49
CA ALA A 227 -3.99 -40.80 1.99
C ALA A 227 -4.30 -42.05 1.15
N GLY A 228 -3.28 -42.86 0.91
CA GLY A 228 -3.45 -44.07 0.12
C GLY A 228 -3.88 -43.78 -1.30
N GLN A 229 -3.48 -42.63 -1.81
CA GLN A 229 -3.83 -42.23 -3.17
C GLN A 229 -3.37 -40.80 -3.47
N GLU A 230 -3.20 -40.47 -4.74
CA GLU A 230 -2.73 -39.18 -5.24
C GLU A 230 -3.89 -38.26 -5.51
N PHE A 231 -3.73 -36.96 -5.26
CA PHE A 231 -4.79 -35.97 -5.49
C PHE A 231 -4.17 -34.55 -5.59
N ASN A 232 -4.94 -33.56 -6.05
CA ASN A 232 -4.38 -32.20 -6.09
C ASN A 232 -4.42 -31.47 -4.75
N ILE A 233 -3.27 -31.49 -4.07
CA ILE A 233 -3.09 -30.83 -2.78
C ILE A 233 -3.43 -29.32 -2.77
N ASN A 234 -3.27 -28.67 -3.92
CA ASN A 234 -3.61 -27.25 -4.01
C ASN A 234 -5.06 -27.05 -4.32
N SER A 235 -5.82 -28.12 -4.47
CA SER A 235 -7.24 -27.93 -4.63
C SER A 235 -7.96 -28.01 -3.28
N PRO A 236 -8.40 -26.86 -2.72
CA PRO A 236 -9.18 -26.92 -1.46
C PRO A 236 -10.40 -27.89 -1.52
N LYS A 237 -11.07 -28.01 -2.68
CA LYS A 237 -12.16 -29.00 -2.82
C LYS A 237 -11.67 -30.46 -2.70
N GLN A 238 -10.67 -30.84 -3.50
CA GLN A 238 -10.15 -32.22 -3.44
C GLN A 238 -9.56 -32.60 -2.09
N LEU A 239 -8.77 -31.68 -1.52
CA LEU A 239 -8.25 -31.83 -0.16
C LEU A 239 -9.37 -32.06 0.87
N GLY A 240 -10.43 -31.27 0.78
CA GLY A 240 -11.61 -31.35 1.66
C GLY A 240 -12.31 -32.71 1.54
N VAL A 241 -12.14 -33.35 0.40
CA VAL A 241 -12.68 -34.67 0.17
C VAL A 241 -11.74 -35.71 0.79
N ILE A 242 -10.43 -35.50 0.72
CA ILE A 242 -9.51 -36.42 1.38
C ILE A 242 -9.65 -36.37 2.90
N LEU A 243 -9.73 -35.18 3.48
CA LEU A 243 -9.71 -35.06 4.94
C LEU A 243 -11.01 -35.50 5.57
N PHE A 244 -12.12 -35.01 5.04
CA PHE A 244 -13.42 -35.11 5.71
C PHE A 244 -14.33 -36.24 5.21
N GLU A 245 -13.91 -36.93 4.15
CA GLU A 245 -14.76 -37.95 3.53
C GLU A 245 -13.97 -39.24 3.51
N LYS A 246 -12.78 -39.27 2.93
CA LYS A 246 -12.00 -40.50 3.02
C LYS A 246 -11.48 -40.81 4.45
N LEU A 247 -10.95 -39.79 5.13
CA LEU A 247 -10.29 -40.00 6.42
C LEU A 247 -11.17 -39.67 7.63
N GLN A 248 -12.32 -39.04 7.40
CA GLN A 248 -13.36 -38.93 8.44
C GLN A 248 -13.03 -37.92 9.54
N LEU A 249 -12.07 -37.05 9.27
CA LEU A 249 -11.63 -36.06 10.22
C LEU A 249 -12.79 -35.17 10.58
N PRO A 250 -12.88 -34.74 11.84
CA PRO A 250 -14.03 -33.87 12.13
C PRO A 250 -14.11 -32.60 11.25
N VAL A 251 -15.33 -32.10 11.08
CA VAL A 251 -15.58 -30.80 10.47
C VAL A 251 -15.81 -29.74 11.56
N LEU A 252 -14.85 -28.86 11.79
CA LEU A 252 -15.04 -27.77 12.77
C LEU A 252 -15.55 -26.50 12.11
N LYS A 253 -15.24 -26.35 10.82
CA LYS A 253 -15.63 -25.16 10.09
C LYS A 253 -15.98 -25.46 8.65
N LYS A 254 -17.01 -24.75 8.19
CA LYS A 254 -17.39 -24.74 6.77
C LYS A 254 -17.07 -23.36 6.17
N THR A 255 -16.84 -23.34 4.85
CA THR A 255 -16.73 -22.07 4.10
C THR A 255 -18.16 -21.80 3.61
N LYS A 256 -18.38 -20.73 2.84
CA LYS A 256 -19.67 -20.58 2.19
C LYS A 256 -19.82 -21.62 1.05
N THR A 257 -18.70 -22.09 0.46
CA THR A 257 -18.70 -23.10 -0.63
C THR A 257 -18.74 -24.56 -0.17
N GLY A 258 -18.15 -24.87 1.00
CA GLY A 258 -17.90 -26.27 1.43
C GLY A 258 -17.20 -26.46 2.79
N TYR A 259 -16.14 -27.29 2.84
CA TYR A 259 -15.37 -27.48 4.09
C TYR A 259 -14.17 -26.53 4.20
N SER A 260 -13.99 -25.85 5.33
CA SER A 260 -12.78 -25.06 5.50
C SER A 260 -11.51 -25.91 5.63
N THR A 261 -10.45 -25.49 4.92
CA THR A 261 -9.13 -26.10 5.08
C THR A 261 -8.08 -25.02 5.42
N SER A 262 -8.53 -23.94 6.06
CA SER A 262 -7.65 -22.85 6.43
C SER A 262 -6.71 -23.26 7.55
N ALA A 263 -5.50 -22.71 7.53
CA ALA A 263 -4.49 -23.02 8.55
C ALA A 263 -5.14 -23.19 9.91
N ASP A 264 -5.83 -22.15 10.36
CA ASP A 264 -6.51 -22.17 11.66
C ASP A 264 -7.15 -23.54 11.92
N VAL A 265 -8.03 -23.95 11.00
CA VAL A 265 -8.71 -25.23 11.13
C VAL A 265 -7.73 -26.38 11.24
N LEU A 266 -6.78 -26.44 10.30
CA LEU A 266 -5.81 -27.53 10.19
C LEU A 266 -4.96 -27.80 11.44
N GLU A 267 -4.63 -26.75 12.19
CA GLU A 267 -3.85 -26.89 13.42
C GLU A 267 -4.68 -27.62 14.47
N LYS A 268 -5.91 -27.14 14.70
CA LYS A 268 -6.93 -27.90 15.46
C LYS A 268 -7.05 -29.37 15.06
N LEU A 269 -7.03 -29.68 13.77
CA LEU A 269 -7.13 -31.08 13.31
C LEU A 269 -5.86 -31.91 13.44
N ALA A 270 -4.72 -31.26 13.69
CA ALA A 270 -3.39 -31.93 13.71
C ALA A 270 -3.30 -33.21 14.57
N PRO A 271 -3.84 -33.18 15.82
CA PRO A 271 -3.81 -34.39 16.65
C PRO A 271 -4.39 -35.68 16.05
N TYR A 272 -5.35 -35.60 15.11
CA TYR A 272 -6.14 -36.79 14.67
C TYR A 272 -5.49 -37.61 13.62
N HIS A 273 -4.75 -36.95 12.76
CA HIS A 273 -4.08 -37.66 11.71
C HIS A 273 -2.75 -36.98 11.40
N GLU A 274 -1.81 -37.79 10.94
CA GLU A 274 -0.46 -37.34 10.62
C GLU A 274 -0.46 -36.45 9.36
N ILE A 275 -1.17 -36.86 8.33
CA ILE A 275 -1.24 -36.10 7.08
C ILE A 275 -1.57 -34.62 7.25
N VAL A 276 -2.00 -34.20 8.44
CA VAL A 276 -2.38 -32.82 8.63
C VAL A 276 -1.19 -31.87 8.70
N GLU A 277 -0.23 -32.16 9.56
CA GLU A 277 0.98 -31.34 9.61
C GLU A 277 1.84 -31.42 8.30
N ASN A 278 1.70 -32.49 7.53
CA ASN A 278 2.31 -32.50 6.20
C ASN A 278 1.61 -31.61 5.17
N ILE A 279 0.29 -31.44 5.30
CA ILE A 279 -0.42 -30.57 4.43
C ILE A 279 -0.04 -29.15 4.83
N LEU A 280 0.14 -28.92 6.13
CA LEU A 280 0.60 -27.64 6.62
C LEU A 280 1.98 -27.30 6.12
N HIS A 281 2.88 -28.28 6.12
CA HIS A 281 4.25 -28.02 5.68
C HIS A 281 4.24 -27.74 4.19
N TYR A 282 3.57 -28.61 3.45
CA TYR A 282 3.32 -28.42 2.05
C TYR A 282 2.75 -27.04 1.68
N ARG A 283 1.75 -26.56 2.40
CA ARG A 283 1.20 -25.23 2.13
C ARG A 283 2.30 -24.16 2.33
N GLN A 284 3.09 -24.32 3.37
CA GLN A 284 4.08 -23.37 3.70
C GLN A 284 5.12 -23.29 2.59
N LEU A 285 5.69 -24.43 2.23
CA LEU A 285 6.70 -24.48 1.19
C LEU A 285 6.16 -24.20 -0.17
N GLY A 286 4.90 -24.52 -0.41
CA GLY A 286 4.27 -24.31 -1.72
C GLY A 286 4.01 -22.84 -1.99
N LYS A 287 3.64 -22.10 -0.94
CA LYS A 287 3.48 -20.66 -0.99
C LYS A 287 4.85 -20.01 -1.36
N LEU A 288 5.93 -20.41 -0.67
CA LEU A 288 7.24 -19.81 -0.93
C LEU A 288 7.68 -20.03 -2.36
N GLN A 289 7.52 -21.27 -2.83
CA GLN A 289 7.90 -21.68 -4.16
C GLN A 289 7.14 -20.92 -5.26
N SER A 290 5.81 -20.99 -5.23
CA SER A 290 5.09 -20.52 -6.38
C SER A 290 4.97 -19.00 -6.34
N THR A 291 4.88 -18.46 -5.14
CA THR A 291 4.74 -17.00 -5.03
C THR A 291 6.06 -16.30 -4.88
N TYR A 292 6.93 -16.76 -3.99
CA TYR A 292 8.10 -15.94 -3.76
C TYR A 292 9.35 -16.33 -4.57
N ILE A 293 9.40 -17.55 -5.08
CA ILE A 293 10.55 -17.96 -5.87
C ILE A 293 10.17 -17.76 -7.34
N GLU A 294 9.29 -18.59 -7.85
CA GLU A 294 8.73 -18.46 -9.20
C GLU A 294 8.07 -17.10 -9.54
N GLY A 295 7.31 -16.53 -8.62
CA GLY A 295 6.70 -15.24 -8.88
C GLY A 295 7.68 -14.07 -9.01
N LEU A 296 8.66 -14.01 -8.11
CA LEU A 296 9.65 -12.94 -8.14
C LEU A 296 10.52 -13.06 -9.38
N LEU A 297 11.04 -14.27 -9.64
CA LEU A 297 11.87 -14.53 -10.81
C LEU A 297 11.21 -14.08 -12.10
N LYS A 298 9.91 -14.26 -12.23
CA LYS A 298 9.24 -13.89 -13.44
C LYS A 298 9.18 -12.39 -13.65
N VAL A 299 9.31 -11.58 -12.59
CA VAL A 299 9.20 -10.17 -12.82
C VAL A 299 10.57 -9.46 -12.79
N VAL A 300 11.65 -10.09 -12.34
CA VAL A 300 12.90 -9.37 -12.46
C VAL A 300 13.25 -9.10 -13.94
N ARG A 301 13.75 -7.91 -14.23
CA ARG A 301 14.15 -7.57 -15.59
C ARG A 301 15.57 -8.07 -15.85
N PRO A 302 15.72 -8.96 -16.83
CA PRO A 302 17.02 -9.55 -17.10
C PRO A 302 18.06 -8.49 -17.58
N ASP A 303 17.60 -7.35 -18.11
CA ASP A 303 18.51 -6.29 -18.47
C ASP A 303 19.24 -5.89 -17.18
N THR A 304 18.50 -5.52 -16.13
CA THR A 304 19.16 -5.00 -14.92
C THR A 304 19.21 -5.88 -13.69
N LYS A 305 18.51 -7.01 -13.70
CA LYS A 305 18.40 -7.83 -12.53
C LYS A 305 17.66 -7.07 -11.42
N LYS A 306 16.84 -6.12 -11.81
CA LYS A 306 15.99 -5.45 -10.84
C LYS A 306 14.50 -5.78 -10.97
N VAL A 307 13.80 -5.66 -9.84
CA VAL A 307 12.35 -5.53 -9.82
C VAL A 307 11.93 -4.07 -9.64
N HIS A 308 10.94 -3.69 -10.43
CA HIS A 308 10.37 -2.37 -10.42
C HIS A 308 8.86 -2.50 -10.09
N THR A 309 8.55 -2.39 -8.80
CA THR A 309 7.13 -2.37 -8.35
C THR A 309 6.46 -1.14 -8.85
N ILE A 310 5.14 -1.09 -8.76
CA ILE A 310 4.40 0.16 -8.91
C ILE A 310 3.71 0.39 -7.55
N PHE A 311 3.92 1.57 -6.96
CA PHE A 311 3.19 1.90 -5.73
C PHE A 311 1.88 2.61 -6.08
N ASN A 312 0.75 1.95 -5.80
CA ASN A 312 -0.56 2.54 -6.01
C ASN A 312 -0.81 3.56 -4.96
N GLN A 313 -0.84 4.82 -5.31
CA GLN A 313 -0.98 5.89 -4.33
C GLN A 313 -2.46 6.27 -4.23
N ALA A 314 -3.31 5.78 -5.13
CA ALA A 314 -4.73 6.21 -5.05
C ALA A 314 -5.67 5.05 -4.99
N LEU A 315 -5.34 4.08 -4.18
CA LEU A 315 -6.15 2.87 -4.10
C LEU A 315 -6.79 2.64 -2.70
N THR A 316 -6.02 2.72 -1.62
CA THR A 316 -6.54 2.23 -0.35
C THR A 316 -7.46 3.23 0.29
N GLN A 317 -8.44 2.69 1.02
CA GLN A 317 -9.51 3.49 1.60
C GLN A 317 -9.05 4.31 2.81
N THR A 318 -7.86 3.98 3.31
CA THR A 318 -7.30 4.67 4.47
C THR A 318 -6.15 5.66 4.20
N GLY A 319 -5.63 5.73 2.97
CA GLY A 319 -4.45 6.55 2.68
C GLY A 319 -3.09 5.83 2.69
N ARG A 320 -3.08 4.53 2.94
CA ARG A 320 -1.90 3.71 2.72
C ARG A 320 -1.57 3.64 1.23
N LEU A 321 -0.32 3.29 0.93
CA LEU A 321 0.06 2.87 -0.40
C LEU A 321 -0.29 1.39 -0.53
N SER A 322 -0.36 0.89 -1.76
CA SER A 322 -0.18 -0.56 -1.99
C SER A 322 0.87 -0.79 -3.05
N SER A 323 1.25 -2.03 -3.25
CA SER A 323 2.33 -2.35 -4.15
C SER A 323 1.99 -3.55 -5.04
N THR A 324 2.35 -3.51 -6.32
CA THR A 324 2.01 -4.60 -7.23
C THR A 324 3.10 -4.88 -8.21
N GLU A 325 3.13 -6.15 -8.61
CA GLU A 325 3.88 -6.67 -9.76
C GLU A 325 5.38 -6.25 -9.76
N PRO A 326 6.12 -6.66 -8.73
CA PRO A 326 5.72 -7.46 -7.57
C PRO A 326 5.19 -6.69 -6.38
N ASN A 327 4.47 -7.36 -5.51
CA ASN A 327 4.11 -6.72 -4.25
C ASN A 327 5.30 -6.85 -3.33
N LEU A 328 5.97 -5.72 -3.08
CA LEU A 328 7.13 -5.72 -2.22
C LEU A 328 6.80 -5.33 -0.77
N GLN A 329 5.50 -5.27 -0.45
CA GLN A 329 5.06 -5.04 0.90
C GLN A 329 4.61 -6.36 1.60
N ASN A 330 4.76 -7.50 0.95
CA ASN A 330 4.44 -8.73 1.67
C ASN A 330 5.48 -9.83 1.54
N ILE A 331 6.74 -9.42 1.36
CA ILE A 331 7.85 -10.33 1.50
C ILE A 331 7.93 -10.93 2.93
N PRO A 332 8.05 -12.29 3.03
CA PRO A 332 7.97 -12.95 4.33
C PRO A 332 9.01 -12.46 5.33
N ILE A 333 8.57 -12.38 6.58
CA ILE A 333 9.41 -11.97 7.66
C ILE A 333 9.13 -12.83 8.91
N ARG A 334 7.88 -13.30 9.08
CA ARG A 334 7.49 -13.89 10.38
C ARG A 334 8.18 -15.23 10.75
N LEU A 335 8.22 -16.19 9.83
CA LEU A 335 8.91 -17.44 10.06
C LEU A 335 10.23 -17.45 9.29
N GLU A 336 11.26 -18.02 9.91
CA GLU A 336 12.60 -18.01 9.37
C GLU A 336 12.74 -18.59 7.94
N GLU A 337 11.98 -19.62 7.61
CA GLU A 337 12.14 -20.22 6.26
C GLU A 337 11.80 -19.20 5.19
N GLY A 338 10.70 -18.49 5.37
CA GLY A 338 10.26 -17.50 4.40
C GLY A 338 11.14 -16.26 4.42
N ARG A 339 11.60 -15.89 5.60
CA ARG A 339 12.36 -14.69 5.73
C ARG A 339 13.65 -14.69 4.88
N LYS A 340 14.16 -15.89 4.63
CA LYS A 340 15.40 -16.08 3.89
C LYS A 340 15.27 -15.59 2.45
N ILE A 341 14.03 -15.53 1.95
CA ILE A 341 13.72 -14.87 0.71
C ILE A 341 14.38 -13.48 0.65
N ARG A 342 14.45 -12.76 1.77
CA ARG A 342 15.00 -11.42 1.77
C ARG A 342 16.49 -11.36 1.49
N GLN A 343 17.20 -12.49 1.61
CA GLN A 343 18.64 -12.52 1.24
C GLN A 343 18.80 -12.31 -0.25
N ALA A 344 17.72 -12.42 -1.00
CA ALA A 344 17.81 -12.21 -2.44
C ALA A 344 17.69 -10.74 -2.80
N PHE A 345 17.34 -9.85 -1.87
CA PHE A 345 17.21 -8.44 -2.22
C PHE A 345 18.46 -7.75 -1.78
N VAL A 346 19.19 -7.21 -2.74
CA VAL A 346 20.57 -6.80 -2.53
C VAL A 346 20.74 -5.35 -2.94
N PRO A 347 21.80 -4.67 -2.43
CA PRO A 347 22.14 -3.30 -2.89
C PRO A 347 22.44 -3.28 -4.41
N SER A 348 22.13 -2.17 -5.07
CA SER A 348 22.30 -2.16 -6.53
C SER A 348 23.73 -1.82 -7.02
N GLU A 349 24.63 -1.43 -6.13
CA GLU A 349 26.04 -1.11 -6.48
C GLU A 349 26.90 -1.88 -5.53
N SER A 350 28.13 -2.15 -5.92
CA SER A 350 29.02 -2.80 -4.99
C SER A 350 29.45 -1.83 -3.88
N ASP A 351 29.58 -2.39 -2.69
CA ASP A 351 29.95 -1.62 -1.52
C ASP A 351 28.88 -0.64 -1.06
N TRP A 352 27.63 -0.97 -1.39
CA TRP A 352 26.48 -0.27 -0.86
C TRP A 352 25.83 -1.24 0.06
N LEU A 353 24.96 -0.73 0.94
CA LEU A 353 24.28 -1.53 1.90
C LEU A 353 22.80 -1.13 1.94
N ILE A 354 21.96 -2.10 2.32
CA ILE A 354 20.54 -1.91 2.62
C ILE A 354 20.35 -1.39 4.05
N PHE A 355 19.61 -0.29 4.19
CA PHE A 355 19.32 0.36 5.49
C PHE A 355 17.77 0.35 5.66
N ALA A 356 17.26 -0.11 6.82
CA ALA A 356 15.82 -0.23 7.06
C ALA A 356 15.54 0.43 8.38
N ALA A 357 14.57 1.33 8.40
CA ALA A 357 14.18 2.01 9.61
C ALA A 357 12.67 1.83 9.75
N ASP A 358 12.20 1.44 10.95
CA ASP A 358 10.76 1.21 11.13
C ASP A 358 10.22 1.91 12.40
N TYR A 359 8.98 2.44 12.32
CA TYR A 359 8.35 2.99 13.52
C TYR A 359 8.00 1.84 14.43
N SER A 360 8.26 2.02 15.73
CA SER A 360 7.85 1.07 16.72
C SER A 360 6.41 1.37 17.24
N GLN A 361 5.47 0.44 17.00
CA GLN A 361 4.06 0.60 17.40
C GLN A 361 3.41 1.96 17.02
N ILE A 362 3.56 2.40 15.77
CA ILE A 362 3.01 3.72 15.32
CA ILE A 362 3.01 3.73 15.35
C ILE A 362 1.48 3.83 15.57
N GLU A 363 0.75 2.79 15.20
CA GLU A 363 -0.69 2.79 15.36
C GLU A 363 -1.19 2.94 16.81
N LEU A 364 -0.65 2.15 17.73
CA LEU A 364 -0.92 2.38 19.15
C LEU A 364 -0.51 3.72 19.65
N ARG A 365 0.60 4.24 19.13
CA ARG A 365 1.10 5.54 19.52
C ARG A 365 0.12 6.62 19.06
N VAL A 366 -0.33 6.49 17.82
CA VAL A 366 -1.35 7.43 17.29
C VAL A 366 -2.67 7.37 18.09
N LEU A 367 -3.12 6.15 18.39
CA LEU A 367 -4.29 5.90 19.26
C LEU A 367 -4.12 6.68 20.60
N ALA A 368 -2.96 6.54 21.24
CA ALA A 368 -2.68 7.23 22.48
C ALA A 368 -2.78 8.73 22.27
N HIS A 369 -2.18 9.22 21.17
CA HIS A 369 -2.32 10.65 20.84
C HIS A 369 -3.77 11.12 20.64
N ILE A 370 -4.52 10.38 19.83
CA ILE A 370 -5.86 10.86 19.46
C ILE A 370 -6.89 10.68 20.63
N ALA A 371 -6.83 9.56 21.33
CA ALA A 371 -7.69 9.27 22.49
C ALA A 371 -7.35 10.11 23.72
N GLU A 372 -6.10 10.59 23.80
CA GLU A 372 -5.54 11.24 24.97
C GLU A 372 -5.77 10.43 26.21
N ASP A 373 -5.50 9.13 26.12
CA ASP A 373 -5.64 8.31 27.30
C ASP A 373 -4.36 8.44 28.18
N ASP A 374 -4.54 8.89 29.42
CA ASP A 374 -3.44 9.11 30.34
C ASP A 374 -2.59 7.87 30.51
N ASN A 375 -3.20 6.72 30.80
CA ASN A 375 -2.44 5.46 31.02
C ASN A 375 -1.67 5.04 29.80
N LEU A 376 -2.30 5.08 28.61
CA LEU A 376 -1.62 4.66 27.40
C LEU A 376 -0.50 5.66 27.05
N MET A 377 -0.76 6.96 27.16
CA MET A 377 0.25 7.97 26.91
C MET A 377 1.42 7.83 27.89
N GLU A 378 1.13 7.58 29.17
CA GLU A 378 2.20 7.27 30.16
C GLU A 378 3.02 6.02 29.76
N ALA A 379 2.37 4.95 29.33
CA ALA A 379 3.11 3.77 28.93
C ALA A 379 4.15 4.08 27.82
N PHE A 380 3.72 4.81 26.79
CA PHE A 380 4.63 5.21 25.75
C PHE A 380 5.71 6.22 26.23
N ARG A 381 5.33 7.18 27.07
CA ARG A 381 6.33 8.15 27.61
C ARG A 381 7.43 7.43 28.39
N ARG A 382 7.08 6.28 28.98
CA ARG A 382 8.03 5.42 29.67
C ARG A 382 8.69 4.40 28.77
N ASP A 383 8.34 4.42 27.48
CA ASP A 383 8.82 3.43 26.53
C ASP A 383 8.67 2.00 27.06
N LEU A 384 7.52 1.68 27.66
CA LEU A 384 7.34 0.32 28.22
C LEU A 384 7.12 -0.68 27.13
N ASP A 385 7.38 -1.94 27.43
CA ASP A 385 6.88 -3.03 26.60
C ASP A 385 5.32 -3.00 26.69
N ILE A 386 4.66 -2.69 25.55
CA ILE A 386 3.26 -2.28 25.60
C ILE A 386 2.35 -3.50 25.81
N HIS A 387 2.80 -4.66 25.35
CA HIS A 387 1.99 -5.86 25.51
C HIS A 387 2.05 -6.38 26.96
N THR A 388 3.26 -6.31 27.52
CA THR A 388 3.47 -6.66 28.92
C THR A 388 2.62 -5.74 29.79
N LYS A 389 2.66 -4.46 29.52
CA LYS A 389 1.88 -3.48 30.25
C LYS A 389 0.39 -3.75 30.14
N THR A 390 -0.10 -4.01 28.92
CA THR A 390 -1.53 -4.35 28.74
C THR A 390 -1.93 -5.64 29.54
N ALA A 391 -1.04 -6.61 29.56
CA ALA A 391 -1.25 -7.85 30.35
C ALA A 391 -1.29 -7.49 31.85
N MET A 392 -0.34 -6.67 32.32
CA MET A 392 -0.38 -6.25 33.71
C MET A 392 -1.72 -5.60 34.11
N ASP A 393 -2.22 -4.69 33.26
CA ASP A 393 -3.41 -3.92 33.60
C ASP A 393 -4.63 -4.80 33.44
N ILE A 394 -4.76 -5.53 32.34
CA ILE A 394 -5.97 -6.32 32.22
C ILE A 394 -6.02 -7.52 33.16
N PHE A 395 -4.87 -8.07 33.57
CA PHE A 395 -4.94 -9.13 34.60
C PHE A 395 -4.61 -8.62 36.01
N GLN A 396 -4.40 -7.31 36.15
CA GLN A 396 -3.92 -6.73 37.42
C GLN A 396 -2.88 -7.60 38.11
N VAL A 397 -1.76 -7.84 37.44
CA VAL A 397 -0.67 -8.54 38.04
C VAL A 397 0.54 -7.66 37.91
N SER A 398 1.60 -8.02 38.62
CA SER A 398 2.85 -7.24 38.52
C SER A 398 3.64 -7.77 37.34
N GLU A 399 4.69 -7.05 36.97
CA GLU A 399 5.44 -7.34 35.79
C GLU A 399 5.95 -8.77 35.69
N ASP A 400 6.59 -9.26 36.75
CA ASP A 400 7.18 -10.59 36.60
C ASP A 400 6.16 -11.72 36.89
N GLU A 401 4.92 -11.34 37.13
CA GLU A 401 3.80 -12.28 37.10
C GLU A 401 3.15 -12.44 35.75
N VAL A 402 3.64 -11.74 34.73
CA VAL A 402 3.01 -11.88 33.43
C VAL A 402 3.57 -13.14 32.79
N THR A 403 2.73 -14.13 32.52
CA THR A 403 3.19 -15.34 31.82
C THR A 403 3.29 -15.13 30.27
N PRO A 404 4.05 -16.00 29.54
CA PRO A 404 3.98 -15.76 28.10
C PRO A 404 2.57 -15.84 27.53
N ASN A 405 1.71 -16.73 28.00
CA ASN A 405 0.34 -16.79 27.46
C ASN A 405 -0.49 -15.53 27.73
N MET A 406 -0.31 -14.96 28.91
CA MET A 406 -0.94 -13.71 29.21
C MET A 406 -0.41 -12.61 28.26
N ARG A 407 0.89 -12.62 27.96
CA ARG A 407 1.40 -11.57 27.09
C ARG A 407 0.84 -11.74 25.69
N ARG A 408 0.74 -12.98 25.23
CA ARG A 408 0.17 -13.28 23.92
C ARG A 408 -1.24 -12.76 23.79
N GLN A 409 -2.04 -12.88 24.85
CA GLN A 409 -3.41 -12.42 24.80
C GLN A 409 -3.56 -10.92 24.81
N ALA A 410 -2.77 -10.24 25.65
CA ALA A 410 -2.75 -8.78 25.68
C ALA A 410 -2.28 -8.25 24.30
N LYS A 411 -1.40 -9.02 23.67
CA LYS A 411 -0.91 -8.66 22.34
C LYS A 411 -2.01 -8.72 21.30
N ALA A 412 -2.75 -9.83 21.26
CA ALA A 412 -3.93 -9.90 20.43
C ALA A 412 -4.96 -8.80 20.73
N VAL A 413 -5.05 -8.33 21.97
CA VAL A 413 -5.98 -7.23 22.26
C VAL A 413 -5.42 -5.91 21.66
N ASN A 414 -4.13 -5.71 21.81
CA ASN A 414 -3.48 -4.51 21.31
C ASN A 414 -3.50 -4.46 19.78
N PHE A 415 -3.53 -5.61 19.15
CA PHE A 415 -3.56 -5.67 17.72
C PHE A 415 -4.98 -5.29 17.24
N GLY A 416 -6.01 -5.77 17.94
CA GLY A 416 -7.39 -5.55 17.55
C GLY A 416 -8.01 -4.23 18.01
N ILE A 417 -7.55 -3.68 19.14
CA ILE A 417 -8.21 -2.45 19.58
CA ILE A 417 -8.07 -2.43 19.67
C ILE A 417 -8.02 -1.34 18.57
N VAL A 418 -6.97 -1.40 17.74
CA VAL A 418 -6.79 -0.29 16.78
C VAL A 418 -7.81 -0.34 15.67
N TYR A 419 -8.59 -1.40 15.59
CA TYR A 419 -9.76 -1.33 14.74
C TYR A 419 -11.05 -1.67 15.44
N GLY A 420 -11.08 -1.50 16.75
CA GLY A 420 -12.28 -1.78 17.49
C GLY A 420 -12.76 -3.19 17.29
N ILE A 421 -11.83 -4.13 17.32
CA ILE A 421 -12.21 -5.56 17.20
C ILE A 421 -13.42 -5.92 18.10
N SER A 422 -14.36 -6.71 17.63
CA SER A 422 -15.51 -7.04 18.47
C SER A 422 -15.18 -8.21 19.39
N ASP A 423 -16.03 -8.43 20.40
CA ASP A 423 -15.84 -9.62 21.22
C ASP A 423 -15.72 -10.89 20.39
N TYR A 424 -16.56 -11.06 19.37
CA TYR A 424 -16.44 -12.22 18.46
C TYR A 424 -15.13 -12.28 17.70
N GLY A 425 -14.68 -11.13 17.21
CA GLY A 425 -13.39 -11.03 16.50
C GLY A 425 -12.24 -11.52 17.36
N LEU A 426 -12.25 -11.11 18.62
CA LEU A 426 -11.16 -11.39 19.52
C LEU A 426 -11.20 -12.85 20.00
N ALA A 427 -12.41 -13.35 20.29
CA ALA A 427 -12.65 -14.74 20.65
C ALA A 427 -12.05 -15.63 19.56
N GLN A 428 -12.39 -15.32 18.32
CA GLN A 428 -11.80 -16.01 17.19
C GLN A 428 -10.27 -16.06 17.15
N ASN A 429 -9.65 -14.89 17.25
CA ASN A 429 -8.20 -14.82 17.20
C ASN A 429 -7.57 -15.50 18.37
N LEU A 430 -8.23 -15.44 19.53
CA LEU A 430 -7.65 -16.01 20.77
C LEU A 430 -8.07 -17.44 21.07
N ASN A 431 -8.95 -18.00 20.27
CA ASN A 431 -9.58 -19.25 20.64
C ASN A 431 -10.21 -19.33 22.01
N ILE A 432 -11.02 -18.33 22.34
CA ILE A 432 -11.72 -18.30 23.63
C ILE A 432 -13.21 -18.06 23.32
N SER A 433 -14.06 -18.08 24.34
CA SER A 433 -15.48 -17.80 24.14
C SER A 433 -15.66 -16.30 23.96
N ARG A 434 -16.75 -15.91 23.29
CA ARG A 434 -17.05 -14.49 23.13
C ARG A 434 -17.23 -13.80 24.48
N LYS A 435 -17.77 -14.52 25.47
CA LYS A 435 -17.98 -13.89 26.78
C LYS A 435 -16.66 -13.62 27.48
N GLU A 436 -15.70 -14.55 27.34
CA GLU A 436 -14.33 -14.33 27.86
C GLU A 436 -13.63 -13.16 27.16
N ALA A 437 -13.80 -13.12 25.83
CA ALA A 437 -13.31 -12.00 25.02
C ALA A 437 -13.95 -10.67 25.44
N ALA A 438 -15.25 -10.69 25.76
CA ALA A 438 -15.92 -9.46 26.23
C ALA A 438 -15.32 -8.92 27.52
N GLU A 439 -15.01 -9.86 28.41
CA GLU A 439 -14.36 -9.56 29.68
C GLU A 439 -12.99 -8.89 29.51
N PHE A 440 -12.17 -9.41 28.60
CA PHE A 440 -10.84 -8.86 28.35
C PHE A 440 -11.03 -7.41 27.92
N ILE A 441 -11.97 -7.21 27.00
CA ILE A 441 -12.25 -5.92 26.43
C ILE A 441 -12.77 -4.98 27.50
N GLU A 442 -13.66 -5.48 28.38
CA GLU A 442 -14.13 -4.69 29.49
C GLU A 442 -12.96 -4.30 30.43
N ARG A 443 -12.05 -5.25 30.70
CA ARG A 443 -10.86 -4.93 31.49
C ARG A 443 -9.96 -3.92 30.79
N TYR A 444 -9.76 -4.06 29.47
CA TYR A 444 -8.99 -3.07 28.73
C TYR A 444 -9.56 -1.65 28.95
N PHE A 445 -10.88 -1.51 28.83
CA PHE A 445 -11.49 -0.17 28.91
C PHE A 445 -11.40 0.39 30.31
N GLU A 446 -11.39 -0.48 31.34
CA GLU A 446 -11.17 0.03 32.74
C GLU A 446 -9.77 0.53 32.90
N SER A 447 -8.81 -0.07 32.21
CA SER A 447 -7.44 0.43 32.27
C SER A 447 -7.19 1.59 31.33
N PHE A 448 -7.90 1.67 30.21
CA PHE A 448 -7.63 2.75 29.25
C PHE A 448 -8.96 3.46 28.91
N PRO A 449 -9.55 4.15 29.90
CA PRO A 449 -10.87 4.69 29.66
C PRO A 449 -10.92 5.73 28.54
N GLY A 450 -9.81 6.41 28.24
CA GLY A 450 -9.69 7.36 27.11
C GLY A 450 -9.89 6.64 25.78
N VAL A 451 -9.43 5.39 25.69
CA VAL A 451 -9.65 4.65 24.44
C VAL A 451 -11.14 4.40 24.23
N LYS A 452 -11.82 3.98 25.29
CA LYS A 452 -13.23 3.82 25.26
C LYS A 452 -13.96 5.13 24.87
N ARG A 453 -13.60 6.26 25.49
CA ARG A 453 -14.19 7.54 25.11
C ARG A 453 -14.02 7.83 23.59
N TYR A 454 -12.77 7.69 23.12
CA TYR A 454 -12.45 7.81 21.70
C TYR A 454 -13.36 6.97 20.84
N MET A 455 -13.55 5.70 21.18
CA MET A 455 -14.30 4.80 20.32
C MET A 455 -15.77 5.23 20.25
N GLU A 456 -16.32 5.69 21.37
CA GLU A 456 -17.69 6.16 21.37
C GLU A 456 -17.81 7.48 20.61
N ASN A 457 -16.88 8.40 20.88
CA ASN A 457 -16.87 9.68 20.23
C ASN A 457 -16.73 9.57 18.72
N ILE A 458 -15.78 8.78 18.25
CA ILE A 458 -15.53 8.68 16.82
C ILE A 458 -16.72 8.09 16.07
N VAL A 459 -17.43 7.14 16.70
CA VAL A 459 -18.64 6.62 16.09
C VAL A 459 -19.77 7.68 16.02
N GLN A 460 -20.00 8.43 17.08
CA GLN A 460 -20.92 9.59 17.00
C GLN A 460 -20.49 10.62 15.96
N GLU A 461 -19.19 10.85 15.83
CA GLU A 461 -18.75 11.85 14.87
C GLU A 461 -18.98 11.34 13.44
N ALA A 462 -18.76 10.04 13.22
CA ALA A 462 -18.98 9.46 11.92
C ALA A 462 -20.47 9.54 11.54
N LYS A 463 -21.35 9.33 12.51
CA LYS A 463 -22.81 9.45 12.30
C LYS A 463 -23.23 10.87 11.97
N GLN A 464 -22.77 11.84 12.75
CA GLN A 464 -23.18 13.21 12.51
C GLN A 464 -22.56 13.90 11.28
N LYS A 465 -21.25 13.78 11.11
CA LYS A 465 -20.58 14.40 9.99
C LYS A 465 -20.75 13.58 8.70
N GLY A 466 -20.88 12.24 8.82
CA GLY A 466 -20.94 11.34 7.64
C GLY A 466 -19.60 10.78 7.19
N TYR A 467 -18.53 11.23 7.85
CA TYR A 467 -17.16 10.80 7.52
C TYR A 467 -16.26 10.89 8.76
N VAL A 468 -15.10 10.26 8.67
CA VAL A 468 -14.04 10.49 9.64
C VAL A 468 -12.80 11.02 8.91
N THR A 469 -11.83 11.39 9.72
CA THR A 469 -10.71 12.24 9.34
C THR A 469 -9.42 11.78 10.03
N THR A 470 -8.26 12.11 9.44
CA THR A 470 -6.93 11.74 9.98
C THR A 470 -6.19 13.01 10.39
N LEU A 471 -5.01 12.90 10.99
CA LEU A 471 -4.28 14.08 11.45
C LEU A 471 -4.05 15.13 10.36
N LEU A 472 -3.70 14.70 9.16
CA LEU A 472 -3.49 15.65 8.04
C LEU A 472 -4.75 15.82 7.10
N HIS A 473 -5.91 15.45 7.62
CA HIS A 473 -7.21 15.76 7.01
C HIS A 473 -7.61 14.91 5.81
N ARG A 474 -7.06 13.72 5.68
CA ARG A 474 -7.61 12.73 4.78
C ARG A 474 -9.02 12.35 5.27
N ARG A 475 -9.92 11.93 4.37
CA ARG A 475 -11.34 11.67 4.73
C ARG A 475 -11.71 10.32 4.28
N ARG A 476 -12.63 9.72 5.02
CA ARG A 476 -13.32 8.58 4.50
C ARG A 476 -14.81 8.67 4.88
N TYR A 477 -15.71 8.59 3.89
CA TYR A 477 -17.14 8.67 4.13
C TYR A 477 -17.62 7.30 4.61
N LEU A 478 -18.47 7.30 5.63
CA LEU A 478 -18.95 6.01 6.08
C LEU A 478 -20.48 5.96 6.08
N PRO A 479 -21.11 5.79 4.88
CA PRO A 479 -22.58 5.83 4.90
C PRO A 479 -23.21 4.67 5.69
N ASP A 480 -22.55 3.51 5.76
CA ASP A 480 -23.08 2.38 6.51
C ASP A 480 -23.20 2.57 7.99
N ILE A 481 -22.65 3.64 8.53
CA ILE A 481 -22.69 3.85 9.94
C ILE A 481 -24.15 3.92 10.48
N THR A 482 -25.13 4.14 9.59
CA THR A 482 -26.55 4.25 10.04
C THR A 482 -27.41 3.13 9.48
N SER A 483 -26.79 2.09 8.97
CA SER A 483 -27.53 1.03 8.34
C SER A 483 -28.32 0.24 9.41
N ARG A 484 -29.48 -0.27 8.99
CA ARG A 484 -30.23 -1.02 9.99
CA ARG A 484 -30.40 -1.09 9.80
C ARG A 484 -29.84 -2.50 10.04
N ASN A 485 -28.84 -2.91 9.25
CA ASN A 485 -28.23 -4.25 9.38
C ASN A 485 -27.07 -4.24 10.42
N PHE A 486 -27.17 -5.08 11.45
CA PHE A 486 -26.18 -5.12 12.51
C PHE A 486 -24.75 -5.41 11.98
N ASN A 487 -24.59 -6.44 11.15
CA ASN A 487 -23.25 -6.75 10.66
C ASN A 487 -22.64 -5.58 9.89
N VAL A 488 -23.41 -5.07 8.93
CA VAL A 488 -23.08 -3.91 8.12
C VAL A 488 -22.72 -2.67 8.95
N ARG A 489 -23.59 -2.29 9.86
CA ARG A 489 -23.30 -1.21 10.80
C ARG A 489 -22.03 -1.45 11.65
N SER A 490 -21.84 -2.69 12.11
CA SER A 490 -20.70 -3.02 12.95
C SER A 490 -19.40 -2.80 12.21
N PHE A 491 -19.30 -3.28 10.95
CA PHE A 491 -18.14 -3.02 10.09
C PHE A 491 -17.83 -1.52 9.96
N ALA A 492 -18.88 -0.72 9.76
CA ALA A 492 -18.72 0.71 9.54
C ALA A 492 -18.21 1.29 10.83
N GLU A 493 -18.59 0.71 11.96
CA GLU A 493 -18.14 1.26 13.23
C GLU A 493 -16.66 0.95 13.43
N ARG A 494 -16.24 -0.25 13.04
CA ARG A 494 -14.83 -0.55 13.12
C ARG A 494 -14.03 0.33 12.14
N MET A 495 -14.57 0.58 10.96
CA MET A 495 -13.89 1.50 10.06
C MET A 495 -13.81 2.90 10.65
N ALA A 496 -14.85 3.34 11.35
CA ALA A 496 -14.80 4.64 11.98
C ALA A 496 -13.68 4.75 13.00
N MET A 497 -13.44 3.68 13.74
CA MET A 497 -12.47 3.73 14.82
C MET A 497 -11.08 3.53 14.25
N ASN A 498 -10.97 2.65 13.25
CA ASN A 498 -9.66 2.33 12.65
C ASN A 498 -9.10 3.42 11.72
N THR A 499 -9.96 4.04 10.92
CA THR A 499 -9.47 4.83 9.82
C THR A 499 -8.60 6.02 10.31
N PRO A 500 -9.04 6.75 11.35
CA PRO A 500 -8.16 7.82 11.83
C PRO A 500 -6.83 7.29 12.36
N ILE A 501 -6.80 6.02 12.77
CA ILE A 501 -5.58 5.47 13.37
C ILE A 501 -4.61 5.06 12.26
N GLN A 502 -5.01 4.07 11.46
CA GLN A 502 -4.30 3.64 10.27
C GLN A 502 -3.97 4.78 9.27
N GLY A 503 -4.96 5.63 8.96
CA GLY A 503 -4.78 6.78 8.02
C GLY A 503 -3.80 7.82 8.54
N SER A 504 -3.84 8.12 9.85
CA SER A 504 -2.90 9.05 10.44
C SER A 504 -1.49 8.48 10.43
N ALA A 505 -1.33 7.18 10.67
CA ALA A 505 -0.01 6.58 10.56
C ALA A 505 0.49 6.65 9.09
N ALA A 506 -0.41 6.56 8.11
CA ALA A 506 -0.02 6.69 6.70
C ALA A 506 0.40 8.13 6.40
N ASP A 507 -0.38 9.08 6.92
CA ASP A 507 -0.02 10.47 6.81
C ASP A 507 1.43 10.70 7.27
N ILE A 508 1.72 10.26 8.48
CA ILE A 508 3.03 10.54 9.13
C ILE A 508 4.21 10.01 8.34
N ILE A 509 4.11 8.74 7.93
CA ILE A 509 5.23 8.15 7.23
C ILE A 509 5.41 8.77 5.84
N LYS A 510 4.32 9.25 5.24
CA LYS A 510 4.34 9.89 3.91
C LYS A 510 5.05 11.22 4.06
N LYS A 511 4.80 11.89 5.16
CA LYS A 511 5.47 13.10 5.47
C LYS A 511 6.95 12.83 5.73
N ALA A 512 7.22 11.80 6.52
CA ALA A 512 8.59 11.43 6.78
C ALA A 512 9.31 11.22 5.44
N MET A 513 8.64 10.62 4.45
CA MET A 513 9.33 10.34 3.19
C MET A 513 9.71 11.65 2.48
N ILE A 514 8.82 12.62 2.55
CA ILE A 514 9.06 13.90 1.92
C ILE A 514 10.22 14.64 2.64
N ASP A 515 10.20 14.63 3.97
CA ASP A 515 11.22 15.33 4.73
C ASP A 515 12.56 14.59 4.49
N LEU A 516 12.50 13.28 4.33
CA LEU A 516 13.76 12.55 4.25
C LEU A 516 14.45 12.85 2.92
N ASN A 517 13.65 12.87 1.87
CA ASN A 517 14.15 13.13 0.55
C ASN A 517 14.74 14.57 0.47
N ALA A 518 14.12 15.55 1.13
CA ALA A 518 14.74 16.90 1.18
C ALA A 518 16.03 16.89 1.99
N ARG A 519 16.10 16.12 3.06
CA ARG A 519 17.30 16.12 3.85
C ARG A 519 18.45 15.38 3.14
N LEU A 520 18.17 14.26 2.48
CA LEU A 520 19.17 13.53 1.69
C LEU A 520 19.79 14.47 0.62
N LYS A 521 18.97 15.27 -0.04
CA LYS A 521 19.44 16.20 -1.06
C LYS A 521 20.32 17.31 -0.44
N GLU A 522 19.83 17.93 0.63
CA GLU A 522 20.61 18.95 1.35
C GLU A 522 21.98 18.43 1.77
N GLU A 523 22.00 17.19 2.27
CA GLU A 523 23.21 16.58 2.74
C GLU A 523 24.09 16.10 1.61
N ARG A 524 23.59 16.11 0.37
CA ARG A 524 24.24 15.47 -0.81
C ARG A 524 24.70 14.01 -0.58
N LEU A 525 23.82 13.27 0.07
CA LEU A 525 24.06 11.86 0.24
C LEU A 525 23.59 11.16 -1.03
N GLN A 526 24.23 10.07 -1.35
CA GLN A 526 23.84 9.25 -2.47
C GLN A 526 22.77 8.23 -2.07
N ALA A 527 22.53 8.11 -0.77
CA ALA A 527 21.47 7.25 -0.23
C ALA A 527 20.13 7.61 -0.88
N HIS A 528 19.34 6.59 -1.21
CA HIS A 528 17.99 6.85 -1.73
C HIS A 528 17.00 5.76 -1.30
N LEU A 529 15.74 6.16 -1.22
CA LEU A 529 14.63 5.30 -0.85
C LEU A 529 14.45 4.27 -1.89
N LEU A 530 14.28 3.02 -1.44
CA LEU A 530 13.86 1.96 -2.30
C LEU A 530 12.39 1.59 -2.09
N LEU A 531 11.99 1.39 -0.83
CA LEU A 531 10.66 0.85 -0.50
C LEU A 531 10.01 1.51 0.68
N GLN A 532 8.68 1.48 0.71
CA GLN A 532 7.91 1.78 1.91
C GLN A 532 7.04 0.55 2.18
N VAL A 533 7.03 0.07 3.43
CA VAL A 533 6.17 -1.04 3.85
C VAL A 533 5.25 -0.60 5.04
N HIS A 534 4.39 0.39 4.80
CA HIS A 534 3.36 0.86 5.75
C HIS A 534 3.93 1.63 6.95
N ASP A 535 4.87 1.03 7.69
CA ASP A 535 5.49 1.71 8.85
C ASP A 535 7.02 1.67 8.84
N GLU A 536 7.58 1.47 7.66
CA GLU A 536 8.97 1.17 7.54
C GLU A 536 9.43 1.70 6.18
N LEU A 537 10.68 2.17 6.14
CA LEU A 537 11.31 2.70 4.97
C LEU A 537 12.62 1.94 4.77
N ILE A 538 12.91 1.54 3.52
CA ILE A 538 14.09 0.80 3.18
C ILE A 538 14.85 1.60 2.13
N LEU A 539 16.13 1.85 2.43
CA LEU A 539 17.07 2.61 1.58
C LEU A 539 18.23 1.72 1.15
N GLU A 540 18.98 2.16 0.14
CA GLU A 540 20.31 1.62 -0.09
C GLU A 540 21.24 2.83 -0.14
N ALA A 541 22.49 2.62 0.28
CA ALA A 541 23.48 3.69 0.26
C ALA A 541 24.90 3.09 0.27
N PRO A 542 25.90 3.88 -0.20
CA PRO A 542 27.31 3.47 0.05
C PRO A 542 27.54 3.08 1.53
N LYS A 543 28.39 2.09 1.77
CA LYS A 543 28.83 1.79 3.12
C LYS A 543 29.31 3.02 3.89
N GLU A 544 29.93 4.00 3.24
CA GLU A 544 30.47 5.21 3.90
C GLU A 544 29.37 6.12 4.44
N GLU A 545 28.13 5.84 4.05
CA GLU A 545 27.04 6.69 4.49
C GLU A 545 26.29 6.16 5.70
N MET A 546 26.59 4.94 6.09
CA MET A 546 25.79 4.23 7.10
C MET A 546 25.76 4.97 8.46
N GLU A 547 26.91 5.52 8.91
CA GLU A 547 26.95 6.15 10.23
C GLU A 547 26.09 7.39 10.19
N ARG A 548 26.21 8.12 9.11
CA ARG A 548 25.34 9.28 8.95
C ARG A 548 23.84 8.96 8.92
N LEU A 549 23.48 7.88 8.24
CA LEU A 549 22.06 7.53 8.09
C LEU A 549 21.50 7.07 9.41
N CYS A 550 22.32 6.38 10.21
CA CYS A 550 21.92 5.93 11.55
C CYS A 550 21.40 7.07 12.37
N ARG A 551 21.86 8.26 12.08
CA ARG A 551 21.39 9.38 12.87
C ARG A 551 20.28 10.12 12.17
N LEU A 552 20.48 10.37 10.89
CA LEU A 552 19.60 11.19 10.11
C LEU A 552 18.20 10.56 9.90
N VAL A 553 18.17 9.29 9.55
CA VAL A 553 16.90 8.70 9.17
C VAL A 553 15.90 8.60 10.31
N PRO A 554 16.32 8.09 11.49
CA PRO A 554 15.39 7.99 12.63
C PRO A 554 14.89 9.36 13.04
N GLU A 555 15.83 10.27 13.03
CA GLU A 555 15.54 11.65 13.30
C GLU A 555 14.43 12.23 12.42
N VAL A 556 14.56 12.07 11.11
CA VAL A 556 13.57 12.67 10.25
C VAL A 556 12.18 12.04 10.49
N MET A 557 12.20 10.73 10.67
CA MET A 557 11.00 9.96 10.89
C MET A 557 10.32 10.29 12.19
N GLU A 558 11.13 10.39 13.25
CA GLU A 558 10.65 10.81 14.58
C GLU A 558 10.08 12.21 14.63
N GLN A 559 10.58 13.12 13.82
CA GLN A 559 10.15 14.50 13.88
C GLN A 559 9.16 14.88 12.81
N ALA A 560 8.77 13.93 11.94
CA ALA A 560 7.82 14.20 10.86
C ALA A 560 6.60 14.98 11.40
N VAL A 561 6.02 14.55 12.50
CA VAL A 561 4.98 15.33 13.18
C VAL A 561 5.27 15.25 14.67
N THR A 562 4.60 16.07 15.45
CA THR A 562 4.76 16.05 16.89
C THR A 562 3.46 15.57 17.52
N LEU A 563 3.50 14.47 18.26
CA LEU A 563 2.30 13.94 18.91
C LEU A 563 2.45 14.16 20.41
N ARG A 564 1.40 13.82 21.16
CA ARG A 564 1.47 13.84 22.66
C ARG A 564 2.39 12.77 23.26
N VAL A 565 2.77 11.80 22.43
CA VAL A 565 3.76 10.78 22.78
C VAL A 565 4.88 10.81 21.74
N PRO A 566 6.08 10.33 22.11
CA PRO A 566 7.23 10.31 21.20
C PRO A 566 6.96 9.31 20.14
N LEU A 567 7.54 9.49 18.97
CA LEU A 567 7.63 8.41 17.97
C LEU A 567 9.03 7.80 18.13
N LYS A 568 9.11 6.50 17.97
CA LYS A 568 10.34 5.78 18.19
C LYS A 568 10.60 4.97 16.97
N VAL A 569 11.84 5.01 16.52
CA VAL A 569 12.19 4.37 15.27
C VAL A 569 13.40 3.50 15.49
N ASP A 570 13.31 2.26 15.09
CA ASP A 570 14.47 1.36 15.11
C ASP A 570 15.01 1.31 13.70
N TYR A 571 16.26 0.91 13.57
CA TYR A 571 16.91 0.93 12.27
C TYR A 571 17.95 -0.17 12.32
N HIS A 572 18.28 -0.72 11.15
CA HIS A 572 19.25 -1.78 10.99
C HIS A 572 19.80 -1.67 9.56
N TYR A 573 21.02 -2.16 9.31
CA TYR A 573 21.56 -2.18 7.96
C TYR A 573 22.40 -3.42 7.72
N GLY A 574 22.58 -3.84 6.47
CA GLY A 574 23.41 -4.99 6.17
C GLY A 574 23.57 -5.20 4.67
N SER A 575 24.19 -6.33 4.32
CA SER A 575 24.49 -6.74 2.94
C SER A 575 23.29 -7.03 2.07
N THR A 576 22.19 -7.48 2.69
CA THR A 576 21.00 -7.89 1.97
C THR A 576 19.84 -7.41 2.86
N TRP A 577 18.64 -7.34 2.31
CA TRP A 577 17.47 -6.98 3.09
C TRP A 577 17.35 -7.90 4.34
N TYR A 578 17.59 -9.19 4.14
CA TYR A 578 17.55 -10.15 5.24
C TYR A 578 18.44 -9.72 6.40
N ASP A 579 19.62 -9.20 6.10
CA ASP A 579 20.65 -8.89 7.08
C ASP A 579 20.39 -7.53 7.72
N ALA A 580 19.46 -6.76 7.18
CA ALA A 580 19.19 -5.47 7.75
C ALA A 580 18.15 -5.66 8.87
N LYS A 581 18.57 -6.38 9.91
CA LYS A 581 17.71 -6.86 11.00
C LYS A 581 18.51 -6.88 12.28
C1 GOL D . -3.93 7.03 -17.95
O1 GOL D . -3.36 7.94 -17.03
C2 GOL D . -5.25 7.58 -18.52
O2 GOL D . -5.08 8.80 -19.24
C3 GOL D . -6.29 7.79 -17.41
O3 GOL D . -7.55 8.11 -17.97
C1 GOL E . 6.42 -11.51 -6.17
O1 GOL E . 7.14 -12.56 -5.54
C2 GOL E . 5.08 -11.23 -5.46
O2 GOL E . 4.49 -10.11 -6.09
C3 GOL E . 5.27 -10.93 -3.97
O3 GOL E . 3.99 -10.92 -3.32
C1 GOL F . 16.26 2.44 -13.85
O1 GOL F . 16.74 2.10 -12.59
C2 GOL F . 16.63 1.34 -14.81
O2 GOL F . 17.83 0.71 -14.38
C3 GOL F . 16.80 2.00 -16.18
O3 GOL F . 18.13 1.95 -16.61
C1 GOL G . -0.62 5.04 -8.47
O1 GOL G . -0.62 6.37 -8.22
C2 GOL G . -1.05 4.70 -9.87
O2 GOL G . -1.32 3.28 -9.79
C3 GOL G . 0.17 4.76 -10.77
O3 GOL G . 0.88 5.97 -10.69
C1 GOL H . -12.96 -3.06 21.56
O1 GOL H . -12.39 -3.46 20.32
C2 GOL H . -14.49 -3.08 21.53
O2 GOL H . -14.94 -4.36 21.14
C3 GOL H . -15.04 -2.04 20.55
O3 GOL H . -16.43 -1.86 20.78
S SO4 I . -15.37 22.88 -29.81
O1 SO4 I . -14.85 23.74 -28.73
O2 SO4 I . -15.00 21.45 -29.74
O3 SO4 I . -16.82 22.94 -29.83
O4 SO4 I . -14.85 23.42 -31.05
S SO4 J . -12.99 -7.41 11.35
O1 SO4 J . -12.41 -7.10 12.65
O2 SO4 J . -14.04 -8.42 11.55
O3 SO4 J . -13.64 -6.23 10.78
O4 SO4 J . -11.98 -7.97 10.43
S SO4 K . 6.57 -8.49 20.26
O1 SO4 K . 6.54 -7.65 21.46
O2 SO4 K . 5.85 -9.76 20.44
O3 SO4 K . 5.96 -7.71 19.17
O4 SO4 K . 7.95 -8.89 20.06
C1' DGP L . -15.34 -23.39 -13.73
N9 DGP L . -14.24 -22.73 -14.45
C8 DGP L . -13.14 -23.33 -15.02
N7 DGP L . -12.32 -22.48 -15.61
C5 DGP L . -12.91 -21.22 -15.42
C6 DGP L . -12.49 -19.91 -15.83
O6 DGP L . -11.48 -19.57 -16.46
N1 DGP L . -13.37 -18.90 -15.44
C2 DGP L . -14.54 -19.13 -14.73
N2 DGP L . -15.26 -18.03 -14.45
N3 DGP L . -14.96 -20.34 -14.34
C4 DGP L . -14.10 -21.36 -14.71
CA CA M . -1.15 -27.38 -8.43
#